data_6RIY
#
_entry.id   6RIY
#
_cell.length_a   31.310
_cell.length_b   95.780
_cell.length_c   35.860
_cell.angle_alpha   90.000
_cell.angle_beta   107.370
_cell.angle_gamma   90.000
#
_symmetry.space_group_name_H-M   'P 1 21 1'
#
loop_
_entity.id
_entity.type
_entity.pdbx_description
1 polymer 'Replicative DNA helicase'
2 non-polymer 'CHLORIDE ION'
3 water water
#
_entity_poly.entity_id   1
_entity_poly.type   'polypeptide(L)'
_entity_poly.pdbx_seq_one_letter_code
;ALALYTPLPTPTGWTTMGDVAVGDELLGADGKPTRVVAATDVMLGRPCYEVEFSDGTVIVADAAHQWPTSGGIRTSAQLR
SGADRIVVAGSAGGYAEQRSATGLLVPVVQIESARRVASVPVRCVEVDNPAHLYLAGRGMVPTHAA
;
_entity_poly.pdbx_strand_id   A,B
#
# COMPACT_ATOMS: atom_id res chain seq x y z
N ALA A 1 -11.65 4.67 -10.03
CA ALA A 1 -10.24 4.36 -10.24
C ALA A 1 -9.45 4.51 -8.97
N LEU A 2 -8.50 3.59 -8.74
CA LEU A 2 -7.61 3.59 -7.59
C LEU A 2 -6.17 3.87 -8.02
N ALA A 3 -5.41 4.45 -7.11
CA ALA A 3 -3.99 4.70 -7.37
C ALA A 3 -3.27 3.41 -7.75
N LEU A 4 -2.30 3.52 -8.67
CA LEU A 4 -1.56 2.35 -9.12
C LEU A 4 -0.89 1.60 -7.98
N TYR A 5 -0.51 2.31 -6.92
CA TYR A 5 0.23 1.68 -5.83
C TYR A 5 -0.68 1.01 -4.82
N THR A 6 -1.99 1.01 -5.07
CA THR A 6 -2.92 0.42 -4.11
C THR A 6 -2.71 -1.08 -4.07
N PRO A 7 -2.40 -1.66 -2.92
CA PRO A 7 -2.31 -3.13 -2.84
C PRO A 7 -3.69 -3.74 -2.83
N LEU A 8 -3.87 -4.80 -3.62
CA LEU A 8 -5.14 -5.51 -3.69
C LEU A 8 -4.93 -6.97 -3.29
N PRO A 9 -5.75 -7.53 -2.40
CA PRO A 9 -5.58 -8.94 -2.07
C PRO A 9 -6.03 -9.83 -3.21
N THR A 10 -5.35 -10.96 -3.37
CA THR A 10 -5.68 -11.98 -4.34
C THR A 10 -5.78 -13.30 -3.62
N PRO A 11 -6.28 -14.35 -4.29
CA PRO A 11 -6.33 -15.67 -3.62
C PRO A 11 -4.97 -16.16 -3.14
N THR A 12 -3.88 -15.78 -3.82
CA THR A 12 -2.55 -16.22 -3.44
C THR A 12 -1.76 -15.19 -2.64
N GLY A 13 -2.07 -13.91 -2.76
CA GLY A 13 -1.35 -12.93 -1.99
C GLY A 13 -1.77 -11.49 -2.19
N TRP A 14 -0.89 -10.69 -2.79
CA TRP A 14 -1.11 -9.26 -2.90
C TRP A 14 -0.57 -8.76 -4.21
N THR A 15 -1.37 -7.98 -4.92
CA THR A 15 -0.97 -7.35 -6.17
CA THR A 15 -0.95 -7.35 -6.17
C THR A 15 -1.27 -5.86 -6.08
N THR A 16 -0.59 -5.08 -6.91
CA THR A 16 -0.93 -3.66 -6.98
C THR A 16 -1.95 -3.44 -8.09
N MET A 17 -2.71 -2.36 -7.97
CA MET A 17 -3.61 -1.98 -9.06
C MET A 17 -2.83 -1.83 -10.36
N GLY A 18 -1.59 -1.32 -10.28
CA GLY A 18 -0.82 -1.15 -11.51
C GLY A 18 -0.50 -2.46 -12.22
N ASP A 19 -0.44 -3.56 -11.48
CA ASP A 19 -0.08 -4.87 -12.02
C ASP A 19 -1.28 -5.72 -12.40
N VAL A 20 -2.49 -5.19 -12.34
CA VAL A 20 -3.68 -5.98 -12.66
C VAL A 20 -3.86 -6.07 -14.16
N ALA A 21 -4.16 -7.28 -14.66
CA ALA A 21 -4.47 -7.50 -16.06
C ALA A 21 -5.77 -8.26 -16.18
N VAL A 22 -6.40 -8.16 -17.37
CA VAL A 22 -7.62 -8.92 -17.63
C VAL A 22 -7.34 -10.40 -17.40
N GLY A 23 -8.26 -11.06 -16.70
CA GLY A 23 -8.13 -12.46 -16.39
C GLY A 23 -7.54 -12.75 -15.02
N ASP A 24 -6.92 -11.76 -14.38
CA ASP A 24 -6.42 -11.94 -13.03
C ASP A 24 -7.58 -12.11 -12.05
N GLU A 25 -7.31 -12.82 -10.96
CA GLU A 25 -8.27 -12.99 -9.86
C GLU A 25 -8.00 -11.98 -8.76
N LEU A 26 -9.01 -11.19 -8.43
CA LEU A 26 -9.05 -10.40 -7.20
C LEU A 26 -10.00 -11.10 -6.24
N LEU A 27 -10.44 -10.40 -5.19
CA LEU A 27 -11.40 -10.94 -4.24
C LEU A 27 -12.67 -10.11 -4.26
N GLY A 28 -13.82 -10.77 -4.30
CA GLY A 28 -15.08 -10.09 -4.18
C GLY A 28 -15.39 -9.72 -2.75
N ALA A 29 -16.56 -9.09 -2.57
CA ALA A 29 -16.98 -8.66 -1.24
C ALA A 29 -17.20 -9.83 -0.29
N ASP A 30 -17.41 -11.04 -0.82
CA ASP A 30 -17.59 -12.21 0.02
C ASP A 30 -16.28 -12.87 0.41
N GLY A 31 -15.14 -12.29 0.02
CA GLY A 31 -13.84 -12.86 0.30
C GLY A 31 -13.39 -13.94 -0.66
N LYS A 32 -14.23 -14.29 -1.65
CA LYS A 32 -13.96 -15.31 -2.64
C LYS A 32 -13.35 -14.69 -3.90
N PRO A 33 -12.66 -15.50 -4.70
CA PRO A 33 -12.04 -14.96 -5.93
C PRO A 33 -13.08 -14.40 -6.88
N THR A 34 -12.67 -13.35 -7.61
CA THR A 34 -13.48 -12.78 -8.68
C THR A 34 -12.54 -12.38 -9.83
N ARG A 35 -12.98 -12.62 -11.06
CA ARG A 35 -12.11 -12.44 -12.21
C ARG A 35 -12.20 -11.02 -12.75
N VAL A 36 -11.07 -10.49 -13.19
CA VAL A 36 -11.03 -9.17 -13.80
C VAL A 36 -11.48 -9.33 -15.25
N VAL A 37 -12.55 -8.62 -15.63
CA VAL A 37 -13.06 -8.73 -16.99
C VAL A 37 -12.59 -7.57 -17.85
N ALA A 38 -12.13 -6.47 -17.26
CA ALA A 38 -11.63 -5.33 -18.00
C ALA A 38 -10.73 -4.52 -17.08
N ALA A 39 -9.81 -3.78 -17.69
CA ALA A 39 -8.90 -2.94 -16.92
C ALA A 39 -8.42 -1.82 -17.81
N THR A 40 -8.59 -0.58 -17.35
CA THR A 40 -8.28 0.57 -18.19
C THR A 40 -6.77 0.73 -18.34
N ASP A 41 -6.39 1.55 -19.31
CA ASP A 41 -5.06 2.13 -19.32
C ASP A 41 -4.83 2.93 -18.04
N VAL A 42 -3.57 3.23 -17.77
CA VAL A 42 -3.27 4.21 -16.73
C VAL A 42 -3.91 5.53 -17.12
N MET A 43 -4.59 6.15 -16.17
CA MET A 43 -5.20 7.44 -16.40
C MET A 43 -4.49 8.50 -15.55
N LEU A 44 -4.09 9.58 -16.20
CA LEU A 44 -3.27 10.63 -15.60
C LEU A 44 -4.08 11.91 -15.41
N GLY A 45 -3.73 12.64 -14.35
CA GLY A 45 -4.29 13.96 -14.13
C GLY A 45 -5.66 13.99 -13.46
N ARG A 46 -6.17 12.84 -13.01
CA ARG A 46 -7.49 12.84 -12.39
C ARG A 46 -7.42 13.47 -10.99
N PRO A 47 -8.45 14.21 -10.59
CA PRO A 47 -8.51 14.69 -9.20
C PRO A 47 -8.64 13.50 -8.27
N CYS A 48 -7.82 13.48 -7.21
CA CYS A 48 -7.74 12.33 -6.33
C CYS A 48 -8.08 12.69 -4.90
N TYR A 49 -8.61 11.69 -4.18
CA TYR A 49 -8.92 11.81 -2.77
C TYR A 49 -8.20 10.74 -1.98
N GLU A 50 -7.73 11.09 -0.79
CA GLU A 50 -7.20 10.12 0.15
C GLU A 50 -8.31 9.74 1.14
N VAL A 51 -8.72 8.47 1.12
CA VAL A 51 -9.80 7.97 1.97
C VAL A 51 -9.16 7.12 3.07
N GLU A 52 -9.39 7.51 4.32
CA GLU A 52 -8.83 6.83 5.48
C GLU A 52 -9.95 6.13 6.22
N PHE A 53 -9.73 4.85 6.52
CA PHE A 53 -10.75 4.04 7.20
C PHE A 53 -10.36 3.80 8.65
N SER A 54 -11.33 3.33 9.43
CA SER A 54 -11.12 3.15 10.85
C SER A 54 -10.18 2.00 11.18
N ASP A 55 -9.85 1.15 10.21
CA ASP A 55 -8.94 0.03 10.43
C ASP A 55 -7.49 0.40 10.17
N GLY A 56 -7.23 1.63 9.74
CA GLY A 56 -5.90 2.05 9.37
C GLY A 56 -5.63 2.04 7.88
N THR A 57 -6.53 1.46 7.09
CA THR A 57 -6.36 1.44 5.64
C THR A 57 -6.52 2.84 5.07
N VAL A 58 -5.59 3.23 4.21
CA VAL A 58 -5.67 4.49 3.47
C VAL A 58 -5.58 4.15 1.98
N ILE A 59 -6.59 4.57 1.23
CA ILE A 59 -6.65 4.34 -0.22
C ILE A 59 -6.78 5.68 -0.91
N VAL A 60 -5.98 5.90 -1.94
CA VAL A 60 -6.09 7.08 -2.79
C VAL A 60 -6.86 6.69 -4.03
N ALA A 61 -7.93 7.44 -4.31
CA ALA A 61 -8.84 7.09 -5.38
C ALA A 61 -9.27 8.36 -6.08
N ASP A 62 -9.73 8.23 -7.32
CA ASP A 62 -10.17 9.44 -7.97
C ASP A 62 -11.48 9.91 -7.35
N ALA A 63 -11.81 11.16 -7.61
CA ALA A 63 -12.93 11.79 -6.92
C ALA A 63 -14.24 11.07 -7.16
N ALA A 64 -14.39 10.41 -8.31
CA ALA A 64 -15.66 9.79 -8.65
C ALA A 64 -15.72 8.30 -8.32
N HIS A 65 -14.65 7.72 -7.79
CA HIS A 65 -14.70 6.31 -7.40
C HIS A 65 -15.81 6.05 -6.39
N GLN A 66 -16.50 4.92 -6.53
CA GLN A 66 -17.70 4.64 -5.75
C GLN A 66 -17.45 3.67 -4.62
N TRP A 67 -18.13 3.89 -3.48
CA TRP A 67 -17.92 3.12 -2.26
C TRP A 67 -19.28 2.69 -1.73
N PRO A 68 -19.45 1.43 -1.34
CA PRO A 68 -20.73 0.98 -0.77
C PRO A 68 -20.84 1.34 0.69
N THR A 69 -21.76 2.24 1.03
CA THR A 69 -22.01 2.57 2.43
C THR A 69 -23.42 2.15 2.84
N SER A 70 -23.65 2.13 4.16
CA SER A 70 -24.96 1.70 4.65
C SER A 70 -26.08 2.65 4.24
N GLY A 71 -25.78 3.89 3.89
CA GLY A 71 -26.80 4.82 3.42
C GLY A 71 -26.86 4.98 1.92
N GLY A 72 -25.97 4.33 1.19
CA GLY A 72 -26.00 4.40 -0.26
C GLY A 72 -24.60 4.34 -0.83
N ILE A 73 -24.55 4.33 -2.16
CA ILE A 73 -23.27 4.45 -2.85
C ILE A 73 -22.82 5.90 -2.81
N ARG A 74 -21.56 6.13 -2.40
CA ARG A 74 -21.00 7.47 -2.33
C ARG A 74 -19.70 7.51 -3.12
N THR A 75 -19.44 8.64 -3.76
CA THR A 75 -18.14 8.83 -4.38
C THR A 75 -17.14 9.28 -3.31
N SER A 76 -15.85 9.13 -3.63
CA SER A 76 -14.82 9.56 -2.68
C SER A 76 -15.05 10.98 -2.22
N ALA A 77 -15.46 11.86 -3.13
CA ALA A 77 -15.64 13.27 -2.82
C ALA A 77 -16.85 13.52 -1.92
N GLN A 78 -17.75 12.56 -1.79
CA GLN A 78 -18.92 12.73 -0.93
C GLN A 78 -18.79 12.00 0.40
N LEU A 79 -17.69 11.29 0.65
CA LEU A 79 -17.59 10.51 1.88
C LEU A 79 -17.44 11.42 3.10
N ARG A 80 -18.07 11.03 4.21
CA ARG A 80 -18.20 11.88 5.39
C ARG A 80 -17.58 11.20 6.61
N SER A 81 -16.77 11.96 7.35
CA SER A 81 -16.16 11.46 8.58
C SER A 81 -17.23 10.98 9.54
N GLY A 82 -17.06 9.78 10.06
CA GLY A 82 -17.99 9.23 11.05
C GLY A 82 -19.35 8.82 10.53
N ALA A 83 -19.99 9.67 9.72
CA ALA A 83 -21.35 9.41 9.28
C ALA A 83 -21.47 8.18 8.39
N ASP A 84 -20.38 7.74 7.75
CA ASP A 84 -20.43 6.71 6.72
C ASP A 84 -19.71 5.45 7.16
N ARG A 85 -20.36 4.30 6.97
CA ARG A 85 -19.77 2.98 7.21
C ARG A 85 -19.88 2.13 5.95
N ILE A 86 -18.80 1.42 5.63
CA ILE A 86 -18.79 0.49 4.49
C ILE A 86 -19.51 -0.79 4.89
N VAL A 87 -20.51 -1.17 4.10
CA VAL A 87 -21.40 -2.28 4.45
C VAL A 87 -21.59 -3.17 3.24
N VAL A 88 -21.53 -4.49 3.45
CA VAL A 88 -21.65 -5.47 2.37
C VAL A 88 -22.68 -6.53 2.74
N ALA A 89 -23.09 -7.28 1.71
CA ALA A 89 -23.89 -8.49 1.85
C ALA A 89 -25.19 -8.24 2.60
N VAL A 106 -23.84 -6.39 7.43
CA VAL A 106 -22.59 -6.62 8.15
C VAL A 106 -21.62 -5.45 7.94
N PRO A 107 -21.33 -4.73 9.02
CA PRO A 107 -20.47 -3.54 8.92
C PRO A 107 -18.99 -3.91 8.88
N VAL A 108 -18.25 -3.27 7.99
CA VAL A 108 -16.85 -3.62 7.71
C VAL A 108 -15.89 -2.61 8.34
N VAL A 109 -15.94 -1.35 7.89
CA VAL A 109 -15.13 -0.27 8.46
C VAL A 109 -15.93 1.03 8.42
N GLN A 110 -15.47 2.00 9.20
CA GLN A 110 -16.02 3.35 9.22
C GLN A 110 -15.10 4.28 8.44
N ILE A 111 -15.68 5.24 7.73
CA ILE A 111 -14.89 6.29 7.09
C ILE A 111 -14.40 7.25 8.17
N GLU A 112 -13.08 7.45 8.23
CA GLU A 112 -12.54 8.43 9.14
C GLU A 112 -12.41 9.80 8.49
N SER A 113 -11.94 9.84 7.24
CA SER A 113 -11.81 11.10 6.53
C SER A 113 -11.63 10.80 5.06
N ALA A 114 -12.01 11.77 4.24
CA ALA A 114 -11.72 11.77 2.81
C ALA A 114 -11.31 13.18 2.45
N ARG A 115 -10.10 13.33 1.90
CA ARG A 115 -9.55 14.65 1.66
C ARG A 115 -8.93 14.68 0.28
N ARG A 116 -9.12 15.80 -0.42
CA ARG A 116 -8.46 15.99 -1.71
C ARG A 116 -6.95 16.01 -1.52
N VAL A 117 -6.24 15.29 -2.37
CA VAL A 117 -4.79 15.27 -2.36
C VAL A 117 -4.29 15.50 -3.78
N ALA A 118 -2.97 15.58 -3.92
CA ALA A 118 -2.37 15.72 -5.25
C ALA A 118 -2.75 14.55 -6.14
N SER A 119 -2.92 14.84 -7.43
CA SER A 119 -3.22 13.79 -8.40
C SER A 119 -2.10 12.77 -8.50
N VAL A 120 -2.47 11.49 -8.53
CA VAL A 120 -1.55 10.41 -8.87
C VAL A 120 -2.17 9.58 -9.98
N PRO A 121 -1.37 8.83 -10.74
CA PRO A 121 -1.93 7.94 -11.76
C PRO A 121 -2.89 6.93 -11.16
N VAL A 122 -3.98 6.64 -11.88
CA VAL A 122 -5.02 5.73 -11.39
C VAL A 122 -5.46 4.80 -12.53
N ARG A 123 -6.15 3.73 -12.16
CA ARG A 123 -6.73 2.78 -13.10
C ARG A 123 -8.06 2.26 -12.57
N CYS A 124 -8.96 1.88 -13.48
CA CYS A 124 -10.18 1.16 -13.13
C CYS A 124 -10.12 -0.29 -13.60
N VAL A 125 -10.81 -1.15 -12.86
CA VAL A 125 -11.03 -2.54 -13.26
C VAL A 125 -12.54 -2.78 -13.29
N GLU A 126 -12.95 -3.77 -14.08
CA GLU A 126 -14.28 -4.34 -13.95
C GLU A 126 -14.13 -5.81 -13.56
N VAL A 127 -15.03 -6.30 -12.72
CA VAL A 127 -14.92 -7.66 -12.21
C VAL A 127 -16.21 -8.42 -12.48
N ASP A 128 -16.13 -9.75 -12.39
CA ASP A 128 -17.19 -10.59 -12.90
C ASP A 128 -18.21 -10.99 -11.84
N ASN A 129 -18.31 -10.26 -10.77
CA ASN A 129 -19.39 -10.59 -9.87
C ASN A 129 -20.50 -9.54 -9.98
N PRO A 130 -21.75 -9.94 -9.77
CA PRO A 130 -22.86 -9.01 -10.04
C PRO A 130 -22.88 -7.80 -9.13
N ALA A 131 -22.31 -7.90 -7.93
CA ALA A 131 -22.26 -6.73 -7.06
C ALA A 131 -21.26 -5.68 -7.52
N HIS A 132 -20.41 -6.00 -8.51
CA HIS A 132 -19.34 -5.10 -8.95
C HIS A 132 -18.47 -4.66 -7.78
N LEU A 133 -18.12 -5.59 -6.89
CA LEU A 133 -17.31 -5.26 -5.72
C LEU A 133 -16.01 -6.04 -5.71
N TYR A 134 -14.96 -5.41 -5.18
CA TYR A 134 -13.71 -6.12 -4.93
C TYR A 134 -13.06 -5.50 -3.71
N LEU A 135 -12.11 -6.23 -3.10
CA LEU A 135 -11.46 -5.75 -1.89
C LEU A 135 -10.19 -4.97 -2.23
N ALA A 136 -9.92 -3.91 -1.47
CA ALA A 136 -8.78 -3.06 -1.77
C ALA A 136 -8.11 -2.57 -0.50
N GLY A 137 -6.80 -2.34 -0.60
CA GLY A 137 -6.03 -1.82 0.51
C GLY A 137 -5.64 -2.91 1.49
N ARG A 138 -4.71 -2.56 2.38
CA ARG A 138 -4.17 -3.59 3.28
C ARG A 138 -5.25 -4.18 4.17
N GLY A 139 -6.30 -3.40 4.48
CA GLY A 139 -7.43 -3.90 5.24
C GLY A 139 -8.50 -4.62 4.46
N MET A 140 -8.34 -4.72 3.14
CA MET A 140 -9.27 -5.47 2.28
C MET A 140 -10.68 -4.88 2.37
N VAL A 141 -10.76 -3.59 2.10
CA VAL A 141 -12.01 -2.83 2.17
C VAL A 141 -12.79 -3.02 0.89
N PRO A 142 -14.07 -3.40 0.96
N PRO A 142 -14.06 -3.42 0.93
CA PRO A 142 -14.90 -3.50 -0.24
CA PRO A 142 -14.83 -3.58 -0.30
C PRO A 142 -14.99 -2.17 -0.97
C PRO A 142 -15.08 -2.25 -0.98
N THR A 143 -14.89 -2.23 -2.30
CA THR A 143 -15.02 -1.03 -3.10
C THR A 143 -15.67 -1.41 -4.41
N HIS A 144 -16.29 -0.43 -5.07
CA HIS A 144 -17.02 -0.70 -6.30
C HIS A 144 -16.11 -0.59 -7.52
N ALA A 145 -16.26 -1.55 -8.44
CA ALA A 145 -15.59 -1.51 -9.73
C ALA A 145 -16.42 -0.70 -10.72
N ALA A 146 -15.83 -0.45 -11.88
CA ALA A 146 -16.50 0.32 -12.92
C ALA A 146 -17.61 -0.49 -13.59
N ALA B 1 12.37 -7.07 7.26
CA ALA B 1 11.23 -7.61 6.52
C ALA B 1 10.06 -6.66 6.54
N LEU B 2 9.35 -6.56 5.42
CA LEU B 2 8.19 -5.68 5.28
C LEU B 2 6.95 -6.53 5.05
N ALA B 3 5.79 -5.99 5.44
CA ALA B 3 4.51 -6.63 5.17
C ALA B 3 4.37 -6.93 3.68
N LEU B 4 3.75 -8.08 3.37
CA LEU B 4 3.54 -8.48 1.97
C LEU B 4 2.75 -7.44 1.19
N TYR B 5 1.83 -6.74 1.84
CA TYR B 5 1.02 -5.76 1.12
C TYR B 5 1.74 -4.45 0.89
N THR B 6 2.98 -4.30 1.35
CA THR B 6 3.73 -3.06 1.12
C THR B 6 3.91 -2.85 -0.38
N PRO B 7 3.46 -1.73 -0.94
CA PRO B 7 3.79 -1.46 -2.34
C PRO B 7 5.23 -0.95 -2.43
N LEU B 8 5.94 -1.43 -3.44
CA LEU B 8 7.32 -1.05 -3.70
C LEU B 8 7.39 -0.40 -5.07
N PRO B 9 7.90 0.82 -5.21
CA PRO B 9 8.02 1.41 -6.54
C PRO B 9 9.10 0.70 -7.34
N THR B 10 8.86 0.60 -8.65
CA THR B 10 9.82 0.02 -9.58
C THR B 10 10.12 1.05 -10.65
N PRO B 11 11.11 0.83 -11.53
CA PRO B 11 11.33 1.81 -12.62
C PRO B 11 10.12 2.03 -13.50
N THR B 12 9.24 1.04 -13.63
CA THR B 12 8.12 1.08 -14.56
C THR B 12 6.76 1.17 -13.88
N GLY B 13 6.68 0.96 -12.57
CA GLY B 13 5.38 0.99 -11.94
C GLY B 13 5.46 0.62 -10.47
N TRP B 14 4.68 -0.39 -10.07
CA TRP B 14 4.55 -0.71 -8.65
C TRP B 14 4.39 -2.20 -8.47
N THR B 15 5.09 -2.75 -7.47
CA THR B 15 4.90 -4.13 -7.08
C THR B 15 4.65 -4.17 -5.57
N THR B 16 4.16 -5.31 -5.10
CA THR B 16 4.10 -5.55 -3.65
C THR B 16 5.32 -6.34 -3.21
N MET B 17 5.64 -6.22 -1.91
CA MET B 17 6.65 -7.09 -1.33
C MET B 17 6.28 -8.56 -1.53
N GLY B 18 4.99 -8.88 -1.45
CA GLY B 18 4.57 -10.25 -1.72
C GLY B 18 4.86 -10.72 -3.13
N ASP B 19 4.65 -9.85 -4.13
CA ASP B 19 4.77 -10.20 -5.54
C ASP B 19 6.19 -10.09 -6.07
N VAL B 20 7.09 -9.42 -5.36
CA VAL B 20 8.41 -9.15 -5.92
C VAL B 20 9.15 -10.47 -6.14
N ALA B 21 9.91 -10.55 -7.23
CA ALA B 21 10.63 -11.77 -7.53
C ALA B 21 12.13 -11.46 -7.57
N VAL B 22 12.95 -12.47 -7.24
CA VAL B 22 14.38 -12.29 -7.38
C VAL B 22 14.66 -11.93 -8.82
N GLY B 23 15.52 -10.93 -9.03
CA GLY B 23 15.80 -10.41 -10.35
C GLY B 23 15.03 -9.16 -10.72
N ASP B 24 13.94 -8.85 -10.01
CA ASP B 24 13.19 -7.63 -10.29
C ASP B 24 14.00 -6.39 -9.92
N GLU B 25 13.72 -5.29 -10.63
CA GLU B 25 14.31 -4.00 -10.30
C GLU B 25 13.42 -3.28 -9.30
N LEU B 26 13.98 -2.91 -8.16
CA LEU B 26 13.42 -1.91 -7.29
C LEU B 26 14.19 -0.63 -7.54
N LEU B 27 14.05 0.34 -6.63
CA LEU B 27 14.72 1.63 -6.75
C LEU B 27 15.66 1.81 -5.56
N GLY B 28 16.89 2.23 -5.84
CA GLY B 28 17.81 2.60 -4.79
C GLY B 28 17.47 3.97 -4.23
N ALA B 29 18.24 4.37 -3.21
CA ALA B 29 18.06 5.70 -2.65
C ALA B 29 18.50 6.80 -3.62
N ASP B 30 19.16 6.44 -4.71
CA ASP B 30 19.48 7.42 -5.74
C ASP B 30 18.41 7.51 -6.81
N GLY B 31 17.31 6.77 -6.67
CA GLY B 31 16.22 6.79 -7.62
C GLY B 31 16.46 5.95 -8.86
N LYS B 32 17.62 5.31 -8.97
CA LYS B 32 18.02 4.44 -10.05
C LYS B 32 17.72 3.00 -9.71
N PRO B 33 17.57 2.14 -10.72
CA PRO B 33 17.22 0.74 -10.44
C PRO B 33 18.29 0.04 -9.62
N THR B 34 17.83 -0.87 -8.77
CA THR B 34 18.66 -1.83 -8.05
C THR B 34 17.97 -3.18 -8.12
N ARG B 35 18.74 -4.22 -8.45
CA ARG B 35 18.13 -5.53 -8.62
C ARG B 35 17.95 -6.23 -7.28
N VAL B 36 16.84 -6.93 -7.13
CA VAL B 36 16.71 -7.87 -6.02
C VAL B 36 17.58 -9.08 -6.32
N VAL B 37 18.56 -9.34 -5.46
CA VAL B 37 19.46 -10.46 -5.71
C VAL B 37 19.08 -11.70 -4.90
N ALA B 38 18.27 -11.54 -3.86
CA ALA B 38 17.77 -12.67 -3.07
C ALA B 38 16.56 -12.19 -2.29
N ALA B 39 15.73 -13.15 -1.89
CA ALA B 39 14.55 -12.83 -1.09
C ALA B 39 14.20 -14.03 -0.22
N THR B 40 13.67 -13.76 0.97
CA THR B 40 13.20 -14.84 1.81
C THR B 40 11.87 -15.36 1.29
N ASP B 41 11.47 -16.52 1.80
CA ASP B 41 10.07 -16.89 1.67
C ASP B 41 9.27 -16.07 2.68
N VAL B 42 7.95 -16.25 2.65
CA VAL B 42 7.08 -15.51 3.56
C VAL B 42 7.36 -15.94 4.99
N MET B 43 7.57 -14.98 5.87
CA MET B 43 7.81 -15.26 7.28
C MET B 43 6.57 -14.92 8.10
N LEU B 44 6.17 -15.85 8.96
CA LEU B 44 4.93 -15.73 9.72
C LEU B 44 5.23 -15.60 11.21
N GLY B 45 4.40 -14.82 11.91
CA GLY B 45 4.47 -14.71 13.35
C GLY B 45 5.51 -13.74 13.87
N ARG B 46 6.13 -12.94 13.02
CA ARG B 46 7.15 -12.03 13.50
C ARG B 46 6.50 -10.82 14.20
N PRO B 47 7.08 -10.34 15.31
CA PRO B 47 6.62 -9.07 15.88
C PRO B 47 6.74 -7.94 14.87
N CYS B 48 5.70 -7.14 14.76
CA CYS B 48 5.59 -6.13 13.70
C CYS B 48 5.32 -4.76 14.28
N TYR B 49 5.78 -3.74 13.54
CA TYR B 49 5.57 -2.34 13.89
C TYR B 49 4.95 -1.64 12.70
N GLU B 50 4.07 -0.68 12.97
CA GLU B 50 3.51 0.20 11.95
C GLU B 50 4.26 1.52 12.05
N VAL B 51 4.87 1.95 10.95
CA VAL B 51 5.62 3.19 10.91
C VAL B 51 4.86 4.13 9.98
N GLU B 52 4.45 5.28 10.51
CA GLU B 52 3.76 6.31 9.73
C GLU B 52 4.69 7.50 9.54
N PHE B 53 4.80 7.97 8.30
CA PHE B 53 5.71 9.04 7.94
C PHE B 53 4.95 10.33 7.67
N SER B 54 5.70 11.45 7.64
CA SER B 54 5.09 12.77 7.54
C SER B 54 4.40 13.00 6.20
N ASP B 55 4.70 12.21 5.19
CA ASP B 55 4.05 12.37 3.88
C ASP B 55 2.77 11.59 3.77
N GLY B 56 2.37 10.87 4.81
CA GLY B 56 1.21 10.02 4.78
C GLY B 56 1.50 8.56 4.47
N THR B 57 2.75 8.22 4.15
CA THR B 57 3.10 6.83 3.89
C THR B 57 3.02 6.04 5.19
N VAL B 58 2.50 4.82 5.10
CA VAL B 58 2.42 3.93 6.25
C VAL B 58 2.99 2.59 5.83
N ILE B 59 4.00 2.11 6.54
CA ILE B 59 4.65 0.83 6.26
C ILE B 59 4.61 -0.01 7.51
N VAL B 60 4.17 -1.27 7.38
CA VAL B 60 4.26 -2.24 8.46
C VAL B 60 5.48 -3.10 8.22
N ALA B 61 6.32 -3.23 9.24
CA ALA B 61 7.62 -3.88 9.11
C ALA B 61 7.90 -4.73 10.34
N ASP B 62 8.80 -5.70 10.15
CA ASP B 62 9.37 -6.45 11.26
C ASP B 62 9.94 -5.50 12.31
N ALA B 63 9.84 -5.89 13.58
CA ALA B 63 10.43 -5.11 14.67
C ALA B 63 11.92 -4.87 14.46
N ALA B 64 12.61 -5.79 13.79
CA ALA B 64 14.05 -5.72 13.60
C ALA B 64 14.44 -5.12 12.27
N HIS B 65 13.48 -4.81 11.41
CA HIS B 65 13.78 -4.17 10.13
C HIS B 65 14.45 -2.83 10.36
N GLN B 66 15.48 -2.52 9.54
CA GLN B 66 16.34 -1.39 9.78
C GLN B 66 16.06 -0.25 8.80
N TRP B 67 16.25 0.96 9.29
CA TRP B 67 15.96 2.21 8.59
C TRP B 67 17.15 3.15 8.68
N PRO B 68 17.42 3.93 7.61
CA PRO B 68 18.46 4.97 7.69
C PRO B 68 17.94 6.26 8.28
N THR B 69 18.33 6.59 9.50
CA THR B 69 17.84 7.81 10.15
C THR B 69 18.95 8.83 10.33
N SER B 70 18.55 10.06 10.68
CA SER B 70 19.53 11.10 10.95
C SER B 70 20.41 10.79 12.16
N GLY B 71 20.03 9.81 12.98
CA GLY B 71 20.85 9.38 14.09
C GLY B 71 21.60 8.08 13.85
N GLY B 72 21.62 7.59 12.62
CA GLY B 72 22.21 6.32 12.28
C GLY B 72 21.14 5.29 11.95
N ILE B 73 21.56 4.03 11.92
CA ILE B 73 20.65 2.95 11.63
C ILE B 73 19.75 2.70 12.83
N ARG B 74 18.45 2.47 12.58
CA ARG B 74 17.51 2.18 13.64
C ARG B 74 16.57 1.07 13.19
N THR B 75 16.27 0.14 14.09
CA THR B 75 15.21 -0.82 13.86
C THR B 75 13.84 -0.16 14.02
N SER B 76 12.82 -0.80 13.44
CA SER B 76 11.45 -0.32 13.59
C SER B 76 11.10 -0.10 15.05
N ALA B 77 11.54 -1.02 15.92
CA ALA B 77 11.18 -0.94 17.33
C ALA B 77 11.86 0.22 18.03
N GLN B 78 12.89 0.81 17.43
CA GLN B 78 13.62 1.89 18.07
C GLN B 78 13.37 3.25 17.44
N LEU B 79 12.50 3.32 16.44
CA LEU B 79 12.15 4.61 15.85
C LEU B 79 11.34 5.43 16.85
N ARG B 80 11.66 6.71 16.98
CA ARG B 80 10.99 7.59 17.92
C ARG B 80 9.97 8.47 17.18
N SER B 81 8.69 8.32 17.54
CA SER B 81 7.62 9.13 16.94
C SER B 81 7.92 10.61 17.09
N GLY B 82 7.77 11.35 16.00
CA GLY B 82 7.95 12.78 16.07
C GLY B 82 9.37 13.25 16.20
N ALA B 83 10.35 12.37 16.06
CA ALA B 83 11.75 12.76 16.21
C ALA B 83 12.59 12.29 15.02
N ASP B 84 12.62 10.99 14.79
CA ASP B 84 13.53 10.45 13.78
C ASP B 84 13.14 10.90 12.38
N ARG B 85 14.15 11.15 11.55
CA ARG B 85 13.98 11.46 10.15
C ARG B 85 14.73 10.45 9.31
N ILE B 86 14.13 10.04 8.19
CA ILE B 86 14.80 9.15 7.25
C ILE B 86 15.73 10.01 6.40
N VAL B 87 17.00 9.65 6.34
N VAL B 87 17.02 9.69 6.42
CA VAL B 87 17.97 10.42 5.56
CA VAL B 87 18.02 10.40 5.63
C VAL B 87 19.10 9.49 5.16
C VAL B 87 18.98 9.37 5.05
N VAL B 88 19.64 9.74 3.97
CA VAL B 88 20.65 8.90 3.34
C VAL B 88 21.92 9.72 3.17
N ALA B 89 23.01 9.28 3.79
CA ALA B 89 24.29 9.98 3.67
C ALA B 89 25.26 9.25 2.75
N LEU B 105 22.70 17.14 4.10
CA LEU B 105 21.72 16.06 3.96
C LEU B 105 20.29 16.60 3.93
N VAL B 106 19.47 16.03 3.07
CA VAL B 106 18.06 16.43 2.93
C VAL B 106 17.21 15.28 3.45
N PRO B 107 16.47 15.48 4.53
CA PRO B 107 15.63 14.39 5.04
C PRO B 107 14.51 14.09 4.07
N VAL B 108 14.22 12.81 3.90
CA VAL B 108 13.15 12.41 3.00
C VAL B 108 11.79 12.62 3.65
N VAL B 109 11.64 12.13 4.90
CA VAL B 109 10.40 12.22 5.66
C VAL B 109 10.77 12.19 7.14
N GLN B 110 9.84 12.63 7.99
CA GLN B 110 9.95 12.41 9.42
C GLN B 110 9.04 11.26 9.83
N ILE B 111 9.43 10.54 10.88
CA ILE B 111 8.58 9.49 11.42
C ILE B 111 7.53 10.16 12.32
N GLU B 112 6.25 10.02 11.94
CA GLU B 112 5.17 10.61 12.74
C GLU B 112 4.75 9.69 13.87
N SER B 113 4.80 8.39 13.64
CA SER B 113 4.42 7.40 14.63
C SER B 113 5.06 6.08 14.28
N ALA B 114 5.54 5.38 15.30
CA ALA B 114 6.01 4.01 15.15
C ALA B 114 5.54 3.23 16.37
N ARG B 115 4.82 2.13 16.13
CA ARG B 115 4.17 1.44 17.24
C ARG B 115 4.00 -0.03 16.90
N ARG B 116 3.92 -0.83 17.96
CA ARG B 116 3.73 -2.27 17.85
C ARG B 116 2.31 -2.58 17.39
N VAL B 117 2.18 -3.47 16.41
CA VAL B 117 0.87 -3.88 15.91
C VAL B 117 0.83 -5.40 15.87
N ALA B 118 -0.34 -5.94 15.54
CA ALA B 118 -0.47 -7.38 15.45
C ALA B 118 0.41 -7.91 14.32
N SER B 119 0.92 -9.12 14.49
CA SER B 119 1.82 -9.69 13.48
C SER B 119 1.10 -9.88 12.14
N VAL B 120 1.79 -9.54 11.05
CA VAL B 120 1.34 -9.87 9.69
C VAL B 120 2.47 -10.57 8.96
N PRO B 121 2.15 -11.28 7.87
CA PRO B 121 3.22 -11.94 7.10
C PRO B 121 4.16 -10.91 6.52
N VAL B 122 5.46 -11.20 6.57
CA VAL B 122 6.49 -10.28 6.11
C VAL B 122 7.49 -11.03 5.23
N ARG B 123 8.32 -10.26 4.54
CA ARG B 123 9.32 -10.83 3.64
C ARG B 123 10.46 -9.85 3.54
N CYS B 124 11.68 -10.37 3.32
CA CYS B 124 12.86 -9.55 3.14
C CYS B 124 13.42 -9.75 1.74
N VAL B 125 14.08 -8.71 1.25
CA VAL B 125 14.84 -8.79 0.01
C VAL B 125 16.27 -8.34 0.29
N GLU B 126 17.18 -8.79 -0.57
CA GLU B 126 18.52 -8.28 -0.66
C GLU B 126 18.68 -7.61 -2.02
N VAL B 127 19.29 -6.43 -2.04
CA VAL B 127 19.45 -5.65 -3.26
C VAL B 127 20.93 -5.45 -3.53
N ASP B 128 21.26 -5.04 -4.76
CA ASP B 128 22.64 -5.06 -5.23
C ASP B 128 23.36 -3.72 -5.11
N ASN B 129 22.83 -2.78 -4.35
CA ASN B 129 23.60 -1.55 -4.19
C ASN B 129 24.40 -1.56 -2.90
N PRO B 130 25.47 -0.77 -2.80
CA PRO B 130 26.38 -0.90 -1.65
C PRO B 130 25.81 -0.37 -0.35
N ALA B 131 24.83 0.53 -0.38
CA ALA B 131 24.22 1.00 0.86
C ALA B 131 23.13 0.07 1.37
N HIS B 132 22.75 -0.95 0.60
CA HIS B 132 21.67 -1.87 0.95
C HIS B 132 20.37 -1.14 1.25
N LEU B 133 20.01 -0.23 0.35
CA LEU B 133 18.81 0.58 0.49
C LEU B 133 17.91 0.39 -0.72
N TYR B 134 16.60 0.34 -0.48
CA TYR B 134 15.60 0.42 -1.55
C TYR B 134 14.45 1.29 -1.08
N LEU B 135 13.62 1.73 -2.03
CA LEU B 135 12.49 2.60 -1.70
C LEU B 135 11.23 1.79 -1.43
N ALA B 136 10.47 2.19 -0.42
CA ALA B 136 9.30 1.42 0.01
C ALA B 136 8.10 2.33 0.27
N GLY B 137 6.91 1.79 0.05
CA GLY B 137 5.68 2.49 0.36
C GLY B 137 5.35 3.47 -0.75
N ARG B 138 4.12 4.00 -0.71
CA ARG B 138 3.68 4.89 -1.77
C ARG B 138 4.53 6.14 -1.87
N GLY B 139 5.13 6.57 -0.76
CA GLY B 139 6.01 7.73 -0.74
C GLY B 139 7.45 7.46 -1.11
N MET B 140 7.77 6.21 -1.45
CA MET B 140 9.12 5.83 -1.89
C MET B 140 10.16 6.23 -0.84
N VAL B 141 9.93 5.77 0.39
CA VAL B 141 10.79 6.05 1.54
C VAL B 141 11.96 5.07 1.56
N PRO B 142 13.20 5.55 1.66
CA PRO B 142 14.35 4.65 1.74
C PRO B 142 14.28 3.74 2.97
N THR B 143 14.68 2.49 2.78
CA THR B 143 14.68 1.52 3.87
C THR B 143 15.78 0.50 3.60
N HIS B 144 16.26 -0.15 4.65
CA HIS B 144 17.37 -1.08 4.51
C HIS B 144 16.88 -2.47 4.13
N ALA B 145 17.59 -3.09 3.19
CA ALA B 145 17.43 -4.48 2.83
C ALA B 145 18.26 -5.37 3.74
N ALA B 146 18.12 -6.68 3.57
CA ALA B 146 18.89 -7.63 4.36
C ALA B 146 20.38 -7.59 4.02
#